data_5EQX
#
_entry.id   5EQX
#
_cell.length_a   81.909
_cell.length_b   44.862
_cell.length_c   106.699
_cell.angle_alpha   90.00
_cell.angle_beta   102.92
_cell.angle_gamma   90.00
#
_symmetry.space_group_name_H-M   'P 1 2 1'
#
loop_
_entity.id
_entity.type
_entity.pdbx_description
1 polymer Desmoglein-3
2 branched 2-acetamido-2-deoxy-beta-D-glucopyranose-(1-4)-2-acetamido-2-deoxy-beta-D-glucopyranose
3 non-polymer 2-acetamido-2-deoxy-beta-D-glucopyranose
4 non-polymer 'CALCIUM ION'
5 non-polymer alpha-D-mannopyranose
6 water water
#
_entity_poly.entity_id   1
_entity_poly.type   'polypeptide(L)'
_entity_poly.pdbx_seq_one_letter_code
;EWVKFAKPCREGEDNSKRNPIAKITSDYQATQKITYRISGVGIDQPPFGIFVVDKNTGDINITAIVDREETPSFLITCRA
LNAQGLDVEKPLILTVKILDINDNPPVFSQQIFMGEIEENSASNSLVMILNATDADEPNHLNSKIAFKIVSQEPAGTPMF
LLSRNTGEVRTLTNSLDREQASSYRLVVSGADKDGEGLSTQCECNIKVKDVNDNFPMFRDSQYSARIEENILSSELLRFQ
VTDLDEEYTDNWLAVYFFTSGNEGNWFEIQTDPRTNEGILKVVKALDYEQLQSVKLSIAVKNKAEFHQSVISRYRVQSTP
VTIQVINVREGIAFRPASKTFTVQKGISSKKLVDYILGTYQAIDEDTNKAASNVKYVMGRNDGGYLMIDSKTAEIKFVKN
MNRDSTFIVNKTITAEVLAIDEYTGKTSTGTVYVRVPDFNDNCPTAVLEKDAVCSSSPSVVVSARTLNNRYTGPYTFALE
DQPVKLPAVWSITTLNATSALLRAQEQIPPGVYHISLVLTDSQNNRCEMPRSLTLEVCQCDNRGICGTSHHHHHH
;
_entity_poly.pdbx_strand_id   A
#
# COMPACT_ATOMS: atom_id res chain seq x y z
N GLU A 1 -4.13 -63.36 42.08
CA GLU A 1 -4.68 -62.81 40.80
C GLU A 1 -6.04 -62.14 41.02
N TRP A 2 -6.18 -60.92 40.53
CA TRP A 2 -7.43 -60.17 40.66
C TRP A 2 -8.46 -60.60 39.64
N VAL A 3 -9.71 -60.22 39.88
CA VAL A 3 -10.79 -60.39 38.91
C VAL A 3 -11.62 -59.12 38.89
N LYS A 4 -11.45 -58.36 37.81
CA LYS A 4 -12.06 -57.04 37.67
C LYS A 4 -13.36 -57.11 36.88
N PHE A 5 -14.26 -56.17 37.14
CA PHE A 5 -15.45 -55.99 36.32
C PHE A 5 -16.08 -54.65 36.70
N ALA A 6 -16.47 -53.88 35.69
CA ALA A 6 -17.01 -52.54 35.92
C ALA A 6 -18.05 -52.16 34.88
N LYS A 7 -19.08 -51.46 35.33
CA LYS A 7 -20.10 -50.91 34.46
C LYS A 7 -19.73 -49.47 34.11
N PRO A 8 -20.29 -48.96 33.00
CA PRO A 8 -20.19 -47.51 32.75
C PRO A 8 -21.22 -46.77 33.59
N CYS A 9 -21.19 -45.44 33.58
CA CYS A 9 -22.14 -44.65 34.35
C CYS A 9 -22.51 -43.38 33.60
N ARG A 10 -23.78 -43.03 33.61
CA ARG A 10 -24.27 -41.89 32.85
C ARG A 10 -24.18 -40.60 33.66
N GLU A 11 -23.69 -39.56 33.02
CA GLU A 11 -23.54 -38.24 33.64
C GLU A 11 -24.90 -37.66 34.02
N GLY A 12 -25.03 -37.21 35.26
CA GLY A 12 -26.24 -36.54 35.70
C GLY A 12 -27.36 -37.48 36.10
N GLU A 13 -27.32 -38.71 35.60
CA GLU A 13 -28.39 -39.67 35.89
C GLU A 13 -28.21 -40.32 37.25
N ASP A 14 -29.31 -40.80 37.83
CA ASP A 14 -29.27 -41.58 39.05
C ASP A 14 -29.06 -43.05 38.72
N ASN A 15 -27.86 -43.55 38.99
CA ASN A 15 -27.50 -44.94 38.70
C ASN A 15 -27.63 -45.83 39.92
N SER A 16 -28.51 -45.43 40.84
CA SER A 16 -28.67 -46.13 42.12
C SER A 16 -29.34 -47.48 41.97
N LYS A 17 -29.84 -47.77 40.77
CA LYS A 17 -30.52 -49.04 40.50
C LYS A 17 -29.63 -49.99 39.72
N ARG A 18 -28.49 -49.49 39.26
CA ARG A 18 -27.50 -50.30 38.56
C ARG A 18 -26.43 -50.82 39.52
N ASN A 19 -26.47 -50.32 40.75
CA ASN A 19 -25.61 -50.84 41.81
C ASN A 19 -25.73 -52.35 41.92
N PRO A 20 -24.60 -53.05 42.14
CA PRO A 20 -23.23 -52.54 42.18
C PRO A 20 -22.70 -52.14 40.80
N ILE A 21 -22.00 -51.01 40.76
CA ILE A 21 -21.45 -50.49 39.52
C ILE A 21 -20.21 -51.29 39.10
N ALA A 22 -19.59 -51.96 40.07
CA ALA A 22 -18.41 -52.76 39.82
C ALA A 22 -18.23 -53.81 40.91
N LYS A 23 -17.42 -54.83 40.62
CA LYS A 23 -17.11 -55.85 41.59
C LYS A 23 -15.70 -56.38 41.37
N ILE A 24 -14.88 -56.27 42.40
CA ILE A 24 -13.49 -56.70 42.35
C ILE A 24 -13.23 -57.81 43.37
N THR A 25 -12.51 -58.84 42.95
CA THR A 25 -12.22 -59.97 43.81
C THR A 25 -10.82 -60.53 43.58
N SER A 26 -10.24 -61.07 44.65
CA SER A 26 -8.97 -61.77 44.59
C SER A 26 -9.21 -63.25 44.87
N ASP A 27 -8.75 -64.11 43.97
CA ASP A 27 -9.05 -65.54 44.07
C ASP A 27 -8.53 -66.14 45.39
N TYR A 28 -7.66 -65.42 46.08
CA TYR A 28 -7.20 -65.81 47.40
C TYR A 28 -8.36 -65.97 48.38
N GLN A 29 -9.50 -65.36 48.06
CA GLN A 29 -10.65 -65.37 48.94
C GLN A 29 -11.23 -66.78 49.12
N ALA A 30 -10.80 -67.70 48.26
CA ALA A 30 -11.24 -69.08 48.35
C ALA A 30 -10.53 -69.84 49.47
N THR A 31 -9.20 -69.71 49.52
CA THR A 31 -8.40 -70.42 50.50
C THR A 31 -8.46 -69.78 51.89
N GLN A 32 -8.52 -68.44 51.91
CA GLN A 32 -8.60 -67.69 53.16
C GLN A 32 -9.61 -66.57 53.01
N LYS A 33 -9.94 -65.89 54.09
CA LYS A 33 -10.81 -64.72 54.00
C LYS A 33 -9.98 -63.48 53.79
N ILE A 34 -10.47 -62.59 52.94
CA ILE A 34 -9.80 -61.33 52.66
C ILE A 34 -10.80 -60.18 52.66
N THR A 35 -10.36 -59.04 53.18
CA THR A 35 -11.16 -57.82 53.17
C THR A 35 -10.68 -56.90 52.05
N TYR A 36 -11.60 -56.14 51.47
CA TYR A 36 -11.26 -55.22 50.38
C TYR A 36 -11.32 -53.77 50.83
N ARG A 37 -10.34 -53.00 50.36
CA ARG A 37 -10.29 -51.56 50.60
C ARG A 37 -10.11 -50.85 49.26
N ILE A 38 -10.66 -49.65 49.13
CA ILE A 38 -10.48 -48.86 47.93
C ILE A 38 -10.05 -47.43 48.24
N SER A 39 -9.46 -46.79 47.24
CA SER A 39 -8.92 -45.44 47.38
C SER A 39 -9.04 -44.66 46.08
N GLY A 40 -8.82 -43.35 46.16
CA GLY A 40 -8.80 -42.52 44.97
C GLY A 40 -9.94 -41.52 44.91
N VAL A 41 -10.14 -40.94 43.72
CA VAL A 41 -11.14 -39.91 43.54
C VAL A 41 -12.54 -40.49 43.74
N GLY A 42 -13.34 -39.79 44.54
CA GLY A 42 -14.65 -40.29 44.94
C GLY A 42 -14.60 -40.85 46.34
N ILE A 43 -13.39 -41.01 46.87
CA ILE A 43 -13.19 -41.70 48.15
C ILE A 43 -12.26 -40.90 49.06
N ASP A 44 -10.97 -40.84 48.71
CA ASP A 44 -9.99 -40.10 49.48
C ASP A 44 -9.66 -38.76 48.84
N GLN A 45 -9.63 -38.75 47.51
CA GLN A 45 -9.39 -37.52 46.77
C GLN A 45 -10.75 -36.85 46.53
N PRO A 46 -10.77 -35.52 46.40
CA PRO A 46 -12.05 -34.85 46.11
C PRO A 46 -12.47 -35.03 44.65
N PRO A 47 -13.79 -35.05 44.36
CA PRO A 47 -14.90 -34.98 45.34
C PRO A 47 -15.06 -36.29 46.10
N PHE A 48 -15.59 -36.23 47.32
CA PHE A 48 -15.78 -37.43 48.13
C PHE A 48 -17.22 -37.93 48.02
N GLY A 49 -17.46 -39.13 48.57
CA GLY A 49 -18.80 -39.69 48.64
C GLY A 49 -19.38 -40.05 47.29
N ILE A 50 -18.57 -40.66 46.44
CA ILE A 50 -19.03 -41.09 45.12
C ILE A 50 -18.97 -42.62 45.01
N PHE A 51 -18.00 -43.22 45.68
CA PHE A 51 -17.82 -44.67 45.63
C PHE A 51 -17.57 -45.28 47.01
N VAL A 52 -18.24 -46.41 47.25
CA VAL A 52 -18.03 -47.19 48.46
C VAL A 52 -17.88 -48.65 48.08
N VAL A 53 -17.18 -49.41 48.91
CA VAL A 53 -16.93 -50.82 48.64
C VAL A 53 -17.41 -51.70 49.78
N ASP A 54 -17.97 -52.85 49.41
CA ASP A 54 -18.32 -53.89 50.39
C ASP A 54 -17.03 -54.59 50.80
N LYS A 55 -16.65 -54.41 52.06
CA LYS A 55 -15.37 -54.89 52.55
C LYS A 55 -15.20 -56.40 52.39
N ASN A 56 -16.31 -57.14 52.42
CA ASN A 56 -16.26 -58.60 52.40
C ASN A 56 -16.48 -59.21 51.02
N THR A 57 -17.35 -58.60 50.22
CA THR A 57 -17.70 -59.15 48.91
C THR A 57 -16.86 -58.55 47.80
N GLY A 58 -16.79 -57.23 47.74
CA GLY A 58 -16.03 -56.53 46.72
C GLY A 58 -16.92 -55.71 45.80
N ASP A 59 -18.23 -55.79 46.01
CA ASP A 59 -19.19 -55.01 45.22
C ASP A 59 -19.00 -53.52 45.48
N ILE A 60 -18.61 -52.80 44.44
CA ILE A 60 -18.42 -51.34 44.54
C ILE A 60 -19.68 -50.62 44.07
N ASN A 61 -20.34 -49.94 45.01
CA ASN A 61 -21.58 -49.20 44.74
C ASN A 61 -21.24 -47.73 44.41
N ILE A 62 -22.02 -47.10 43.53
CA ILE A 62 -21.92 -45.66 43.28
C ILE A 62 -22.94 -44.95 44.15
N THR A 63 -22.61 -43.76 44.63
CA THR A 63 -23.40 -43.11 45.69
C THR A 63 -23.80 -41.66 45.41
N ALA A 64 -23.35 -41.10 44.30
CA ALA A 64 -23.66 -39.70 43.99
C ALA A 64 -23.66 -39.41 42.49
N ILE A 65 -24.43 -38.40 42.10
CA ILE A 65 -24.50 -38.00 40.70
C ILE A 65 -23.13 -37.47 40.26
N VAL A 66 -22.78 -37.75 39.01
CA VAL A 66 -21.46 -37.40 38.49
C VAL A 66 -21.54 -36.41 37.34
N ASP A 67 -20.49 -35.59 37.23
CA ASP A 67 -20.32 -34.68 36.10
C ASP A 67 -19.02 -35.03 35.40
N ARG A 68 -19.10 -35.56 34.18
CA ARG A 68 -17.91 -36.06 33.49
C ARG A 68 -17.04 -34.92 32.99
N GLU A 69 -17.62 -33.74 32.84
CA GLU A 69 -16.85 -32.56 32.50
C GLU A 69 -15.88 -32.27 33.64
N GLU A 70 -16.29 -32.58 34.86
CA GLU A 70 -15.43 -32.45 36.03
C GLU A 70 -14.60 -33.71 36.25
N THR A 71 -15.20 -34.86 35.97
CA THR A 71 -14.54 -36.15 36.19
C THR A 71 -14.86 -37.14 35.07
N PRO A 72 -14.16 -37.02 33.93
CA PRO A 72 -14.48 -37.82 32.73
C PRO A 72 -14.38 -39.32 32.96
N SER A 73 -13.66 -39.72 34.00
CA SER A 73 -13.53 -41.13 34.34
C SER A 73 -13.03 -41.23 35.78
N PHE A 74 -12.98 -42.44 36.31
CA PHE A 74 -12.59 -42.67 37.70
C PHE A 74 -11.59 -43.80 37.83
N LEU A 75 -10.44 -43.49 38.42
CA LEU A 75 -9.39 -44.47 38.67
C LEU A 75 -9.41 -44.91 40.13
N ILE A 76 -10.02 -46.06 40.39
CA ILE A 76 -10.15 -46.58 41.75
C ILE A 76 -9.01 -47.53 42.07
N THR A 77 -8.34 -47.29 43.19
CA THR A 77 -7.21 -48.11 43.63
C THR A 77 -7.67 -49.11 44.68
N CYS A 78 -7.75 -50.38 44.28
CA CYS A 78 -8.27 -51.43 45.14
C CYS A 78 -7.14 -52.25 45.75
N ARG A 79 -7.42 -52.81 46.93
CA ARG A 79 -6.45 -53.65 47.64
C ARG A 79 -7.14 -54.86 48.26
N ALA A 80 -6.40 -55.97 48.37
CA ALA A 80 -6.93 -57.20 48.97
C ALA A 80 -6.13 -57.53 50.22
N LEU A 81 -6.73 -57.30 51.39
CA LEU A 81 -6.04 -57.46 52.66
C LEU A 81 -6.26 -58.82 53.30
N ASN A 82 -5.16 -59.39 53.79
CA ASN A 82 -5.18 -60.62 54.57
C ASN A 82 -6.10 -60.53 55.79
N ALA A 83 -6.46 -61.68 56.34
CA ALA A 83 -7.24 -61.77 57.57
C ALA A 83 -6.57 -60.98 58.70
N GLN A 84 -5.25 -60.87 58.66
CA GLN A 84 -4.51 -60.11 59.66
C GLN A 84 -4.34 -58.65 59.25
N GLY A 85 -4.73 -58.33 58.02
CA GLY A 85 -4.78 -56.95 57.57
C GLY A 85 -3.64 -56.55 56.65
N LEU A 86 -2.76 -57.49 56.35
CA LEU A 86 -1.64 -57.25 55.45
C LEU A 86 -2.09 -57.38 53.99
N ASP A 87 -1.35 -56.76 53.08
CA ASP A 87 -1.67 -56.87 51.66
C ASP A 87 -1.35 -58.26 51.14
N VAL A 88 -2.03 -58.65 50.06
CA VAL A 88 -1.85 -59.98 49.47
C VAL A 88 -1.79 -59.91 47.94
N GLU A 89 -2.17 -58.76 47.39
CA GLU A 89 -2.12 -58.53 45.95
C GLU A 89 -1.56 -57.13 45.64
N LYS A 90 -0.95 -56.98 44.47
CA LYS A 90 -0.53 -55.67 44.00
C LYS A 90 -1.78 -54.83 43.75
N PRO A 91 -1.78 -53.55 44.16
CA PRO A 91 -2.99 -52.74 43.99
C PRO A 91 -3.39 -52.59 42.53
N LEU A 92 -4.58 -53.10 42.15
CA LEU A 92 -5.04 -52.94 40.78
C LEU A 92 -5.68 -51.56 40.61
N ILE A 93 -5.83 -51.15 39.36
CA ILE A 93 -6.47 -49.89 39.03
C ILE A 93 -7.75 -50.17 38.27
N LEU A 94 -8.87 -50.00 38.96
CA LEU A 94 -10.18 -50.25 38.40
C LEU A 94 -10.74 -48.99 37.78
N THR A 95 -11.06 -49.05 36.49
CA THR A 95 -11.51 -47.87 35.75
C THR A 95 -13.02 -47.87 35.54
N VAL A 96 -13.64 -46.75 35.89
CA VAL A 96 -15.07 -46.53 35.66
C VAL A 96 -15.27 -45.34 34.73
N LYS A 97 -15.61 -45.62 33.47
CA LYS A 97 -15.80 -44.56 32.50
C LYS A 97 -17.20 -43.98 32.64
N ILE A 98 -17.29 -42.65 32.58
CA ILE A 98 -18.57 -41.96 32.73
C ILE A 98 -19.11 -41.50 31.39
N LEU A 99 -20.30 -41.98 31.04
CA LEU A 99 -20.92 -41.69 29.76
C LEU A 99 -21.38 -40.24 29.70
N ASP A 100 -21.36 -39.67 28.50
CA ASP A 100 -21.57 -38.24 28.32
C ASP A 100 -23.00 -37.89 27.97
N ILE A 101 -23.44 -36.71 28.42
CA ILE A 101 -24.69 -36.12 27.95
C ILE A 101 -24.36 -34.77 27.33
N ASN A 102 -25.18 -34.35 26.37
CA ASN A 102 -24.95 -33.10 25.65
C ASN A 102 -25.43 -31.90 26.46
N ASP A 103 -24.77 -31.65 27.60
CA ASP A 103 -25.20 -30.61 28.53
C ASP A 103 -24.27 -29.40 28.52
N ASN A 104 -23.36 -29.35 27.55
CA ASN A 104 -22.50 -28.19 27.37
C ASN A 104 -22.55 -27.68 25.93
N PRO A 105 -22.80 -26.39 25.74
CA PRO A 105 -22.90 -25.85 24.37
C PRO A 105 -21.54 -25.50 23.79
N PRO A 106 -21.43 -25.49 22.45
CA PRO A 106 -20.20 -25.01 21.83
C PRO A 106 -20.05 -23.50 22.02
N VAL A 107 -18.81 -23.02 22.16
CA VAL A 107 -18.57 -21.60 22.40
C VAL A 107 -17.34 -21.09 21.64
N PHE A 108 -17.48 -19.90 21.05
CA PHE A 108 -16.38 -19.25 20.34
C PHE A 108 -15.46 -18.55 21.32
N SER A 109 -14.15 -18.58 21.05
CA SER A 109 -13.18 -17.92 21.91
C SER A 109 -13.44 -16.42 21.93
N GLN A 110 -13.67 -15.86 20.75
CA GLN A 110 -13.96 -14.44 20.60
C GLN A 110 -15.39 -14.23 20.14
N GLN A 111 -16.04 -13.21 20.67
CA GLN A 111 -17.40 -12.86 20.25
C GLN A 111 -17.35 -12.12 18.92
N ILE A 112 -16.18 -11.57 18.60
CA ILE A 112 -15.95 -10.90 17.33
C ILE A 112 -14.58 -11.25 16.80
N PHE A 113 -14.56 -12.05 15.73
CA PHE A 113 -13.31 -12.37 15.04
C PHE A 113 -13.04 -11.32 13.97
N MET A 114 -11.77 -11.10 13.67
CA MET A 114 -11.38 -10.17 12.63
C MET A 114 -10.27 -10.76 11.78
N GLY A 115 -10.33 -10.49 10.48
CA GLY A 115 -9.33 -10.97 9.55
C GLY A 115 -9.19 -10.03 8.37
N GLU A 116 -8.19 -10.28 7.54
CA GLU A 116 -7.95 -9.48 6.35
C GLU A 116 -7.49 -10.38 5.21
N ILE A 117 -7.84 -9.99 3.99
CA ILE A 117 -7.44 -10.74 2.82
C ILE A 117 -7.32 -9.80 1.62
N GLU A 118 -6.33 -10.07 0.78
CA GLU A 118 -6.13 -9.24 -0.41
C GLU A 118 -7.31 -9.33 -1.36
N GLU A 119 -7.30 -8.43 -2.34
CA GLU A 119 -8.35 -8.36 -3.34
C GLU A 119 -8.01 -9.27 -4.52
N ASN A 120 -9.04 -9.77 -5.20
CA ASN A 120 -8.86 -10.59 -6.39
C ASN A 120 -7.99 -11.83 -6.15
N SER A 121 -7.95 -12.29 -4.90
CA SER A 121 -7.15 -13.47 -4.56
C SER A 121 -7.75 -14.73 -5.17
N ALA A 122 -6.93 -15.78 -5.26
CA ALA A 122 -7.38 -17.05 -5.82
C ALA A 122 -8.52 -17.64 -5.00
N SER A 123 -9.37 -18.42 -5.64
CA SER A 123 -10.44 -19.10 -4.94
C SER A 123 -9.86 -20.02 -3.87
N ASN A 124 -10.64 -20.28 -2.84
CA ASN A 124 -10.25 -21.19 -1.76
C ASN A 124 -9.05 -20.67 -0.98
N SER A 125 -8.76 -19.37 -1.09
CA SER A 125 -7.72 -18.74 -0.29
C SER A 125 -8.21 -18.55 1.14
N LEU A 126 -7.29 -18.60 2.10
CA LEU A 126 -7.64 -18.55 3.51
C LEU A 126 -7.73 -17.11 4.02
N VAL A 127 -8.75 -16.84 4.83
CA VAL A 127 -8.96 -15.54 5.43
C VAL A 127 -8.53 -15.57 6.90
N MET A 128 -9.23 -16.38 7.68
CA MET A 128 -8.99 -16.49 9.11
C MET A 128 -9.40 -17.89 9.56
N ILE A 129 -8.99 -18.26 10.77
CA ILE A 129 -9.34 -19.55 11.35
C ILE A 129 -10.02 -19.34 12.69
N LEU A 130 -11.30 -19.03 12.65
CA LEU A 130 -12.08 -18.85 13.88
C LEU A 130 -12.21 -20.19 14.58
N ASN A 131 -12.26 -20.16 15.91
CA ASN A 131 -12.22 -21.38 16.72
C ASN A 131 -13.41 -21.48 17.67
N ALA A 132 -13.72 -22.70 18.08
CA ALA A 132 -14.74 -22.94 19.09
C ALA A 132 -14.35 -24.16 19.91
N THR A 133 -15.07 -24.39 21.01
CA THR A 133 -14.78 -25.51 21.89
C THR A 133 -16.06 -26.04 22.54
N ASP A 134 -16.08 -27.34 22.79
CA ASP A 134 -17.21 -27.98 23.45
C ASP A 134 -16.70 -28.92 24.54
N ALA A 135 -17.16 -28.70 25.77
CA ALA A 135 -16.63 -29.39 26.94
C ALA A 135 -17.01 -30.86 27.00
N ASP A 136 -17.98 -31.27 26.19
CA ASP A 136 -18.44 -32.65 26.19
C ASP A 136 -17.36 -33.56 25.61
N GLU A 137 -17.61 -34.87 25.60
CA GLU A 137 -16.57 -35.86 25.31
C GLU A 137 -15.87 -35.61 23.97
N PRO A 138 -14.52 -35.62 23.96
CA PRO A 138 -13.80 -35.47 22.69
C PRO A 138 -14.01 -36.67 21.77
N ASN A 139 -13.94 -36.45 20.47
CA ASN A 139 -14.21 -37.49 19.48
C ASN A 139 -15.56 -38.14 19.74
N HIS A 140 -16.58 -37.31 19.87
CA HIS A 140 -17.95 -37.76 20.08
C HIS A 140 -18.87 -36.71 19.50
N LEU A 141 -19.99 -37.17 18.94
CA LEU A 141 -20.98 -36.28 18.32
C LEU A 141 -21.33 -35.07 19.19
N ASN A 142 -21.31 -35.25 20.50
CA ASN A 142 -21.70 -34.17 21.42
C ASN A 142 -20.70 -33.01 21.46
N SER A 143 -19.48 -33.25 20.99
CA SER A 143 -18.46 -32.20 20.93
C SER A 143 -18.15 -31.80 19.49
N LYS A 144 -18.75 -32.52 18.54
CA LYS A 144 -18.55 -32.25 17.12
C LYS A 144 -19.26 -30.96 16.73
N ILE A 145 -18.49 -29.87 16.64
CA ILE A 145 -19.04 -28.57 16.32
C ILE A 145 -19.14 -28.39 14.81
N ALA A 146 -20.24 -27.78 14.36
CA ALA A 146 -20.46 -27.53 12.94
C ALA A 146 -20.77 -26.04 12.69
N PHE A 147 -19.97 -25.42 11.83
CA PHE A 147 -20.09 -23.99 11.56
C PHE A 147 -20.85 -23.71 10.27
N LYS A 148 -21.51 -22.56 10.21
CA LYS A 148 -22.35 -22.20 9.06
C LYS A 148 -22.47 -20.69 8.89
N ILE A 149 -21.98 -20.19 7.75
CA ILE A 149 -22.24 -18.80 7.38
C ILE A 149 -23.74 -18.65 7.16
N VAL A 150 -24.39 -17.83 7.98
CA VAL A 150 -25.85 -17.67 7.89
C VAL A 150 -26.23 -16.36 7.22
N SER A 151 -25.49 -15.29 7.53
CA SER A 151 -25.77 -13.97 6.93
C SER A 151 -24.50 -13.24 6.52
N GLN A 152 -24.62 -12.52 5.40
CA GLN A 152 -23.52 -11.73 4.86
C GLN A 152 -24.05 -10.33 4.53
N GLU A 153 -24.13 -9.51 5.58
CA GLU A 153 -24.71 -8.17 5.47
C GLU A 153 -24.16 -7.29 4.33
N PRO A 154 -22.87 -7.44 4.00
CA PRO A 154 -22.29 -6.63 2.92
C PRO A 154 -23.00 -6.70 1.56
N ALA A 155 -23.55 -7.85 1.20
CA ALA A 155 -24.15 -8.00 -0.12
C ALA A 155 -25.07 -9.21 -0.21
N GLY A 156 -25.38 -9.63 -1.44
CA GLY A 156 -26.27 -10.76 -1.68
C GLY A 156 -25.65 -11.82 -2.58
N THR A 157 -24.44 -11.57 -3.04
CA THR A 157 -23.68 -12.56 -3.81
C THR A 157 -22.56 -13.12 -2.92
N PRO A 158 -22.56 -14.44 -2.70
CA PRO A 158 -21.68 -15.01 -1.68
C PRO A 158 -20.21 -14.92 -2.05
N MET A 159 -19.36 -14.67 -1.06
CA MET A 159 -17.94 -14.48 -1.28
C MET A 159 -17.11 -15.34 -0.33
N PHE A 160 -17.77 -16.06 0.56
CA PHE A 160 -17.08 -16.83 1.58
C PHE A 160 -17.75 -18.16 1.92
N LEU A 161 -16.92 -19.15 2.23
CA LEU A 161 -17.36 -20.42 2.76
C LEU A 161 -16.48 -20.76 3.95
N LEU A 162 -16.97 -21.63 4.83
CA LEU A 162 -16.12 -22.17 5.89
C LEU A 162 -16.28 -23.67 6.00
N SER A 163 -15.20 -24.34 6.38
CA SER A 163 -15.22 -25.77 6.59
C SER A 163 -16.25 -26.10 7.65
N ARG A 164 -17.06 -27.10 7.37
CA ARG A 164 -18.13 -27.50 8.26
C ARG A 164 -17.60 -27.76 9.67
N ASN A 165 -16.41 -28.34 9.76
CA ASN A 165 -15.88 -28.82 11.03
C ASN A 165 -14.61 -28.11 11.50
N THR A 166 -13.73 -27.74 10.58
CA THR A 166 -12.46 -27.12 10.96
C THR A 166 -12.63 -25.62 11.23
N GLY A 167 -13.66 -25.03 10.64
CA GLY A 167 -13.98 -23.63 10.88
C GLY A 167 -13.10 -22.64 10.13
N GLU A 168 -12.46 -23.11 9.06
CA GLU A 168 -11.59 -22.25 8.26
C GLU A 168 -12.40 -21.41 7.26
N VAL A 169 -12.43 -20.10 7.47
CA VAL A 169 -13.11 -19.21 6.53
C VAL A 169 -12.26 -19.04 5.27
N ARG A 170 -12.82 -19.40 4.13
CA ARG A 170 -12.07 -19.38 2.86
C ARG A 170 -12.75 -18.59 1.75
N THR A 171 -11.93 -17.98 0.91
CA THR A 171 -12.38 -17.29 -0.29
C THR A 171 -13.17 -18.23 -1.19
N LEU A 172 -14.39 -17.81 -1.51
CA LEU A 172 -15.28 -18.62 -2.34
C LEU A 172 -15.09 -18.34 -3.83
N THR A 173 -14.36 -17.28 -4.16
CA THR A 173 -14.18 -16.90 -5.55
C THR A 173 -13.15 -15.78 -5.76
N ASN A 174 -12.70 -15.65 -7.00
CA ASN A 174 -11.70 -14.65 -7.36
C ASN A 174 -12.29 -13.25 -7.56
N SER A 175 -13.58 -13.09 -7.24
CA SER A 175 -14.28 -11.85 -7.51
C SER A 175 -14.34 -10.91 -6.30
N LEU A 176 -13.44 -11.09 -5.34
CA LEU A 176 -13.32 -10.13 -4.25
C LEU A 176 -12.89 -8.80 -4.85
N ASP A 177 -13.64 -7.75 -4.53
CA ASP A 177 -13.45 -6.46 -5.18
C ASP A 177 -13.64 -5.33 -4.15
N ARG A 178 -12.53 -4.79 -3.66
CA ARG A 178 -12.55 -3.74 -2.65
C ARG A 178 -13.42 -2.56 -3.06
N GLU A 179 -13.32 -2.15 -4.33
CA GLU A 179 -14.10 -1.02 -4.82
C GLU A 179 -15.49 -1.46 -5.26
N GLN A 180 -15.87 -2.68 -4.85
CA GLN A 180 -17.25 -3.13 -4.95
C GLN A 180 -17.77 -3.40 -3.54
N ALA A 181 -16.86 -3.82 -2.65
CA ALA A 181 -17.15 -3.99 -1.23
C ALA A 181 -15.85 -3.93 -0.44
N SER A 182 -15.64 -2.84 0.28
CA SER A 182 -14.37 -2.57 0.95
C SER A 182 -14.14 -3.44 2.19
N SER A 183 -15.21 -4.02 2.71
CA SER A 183 -15.12 -4.86 3.90
C SER A 183 -16.36 -5.71 4.04
N TYR A 184 -16.22 -6.88 4.69
CA TYR A 184 -17.34 -7.79 4.86
C TYR A 184 -17.60 -8.14 6.33
N ARG A 185 -18.87 -8.08 6.72
CA ARG A 185 -19.31 -8.46 8.07
C ARG A 185 -20.14 -9.73 8.02
N LEU A 186 -19.50 -10.85 8.36
CA LEU A 186 -20.18 -12.14 8.42
C LEU A 186 -20.77 -12.41 9.80
N VAL A 187 -21.54 -13.47 9.90
CA VAL A 187 -22.04 -13.96 11.18
C VAL A 187 -22.13 -15.48 11.11
N VAL A 188 -21.45 -16.13 12.06
CA VAL A 188 -21.26 -17.57 12.05
C VAL A 188 -22.16 -18.24 13.10
N SER A 189 -22.53 -19.49 12.82
CA SER A 189 -23.35 -20.27 13.73
C SER A 189 -22.74 -21.64 13.99
N GLY A 190 -21.98 -21.74 15.07
CA GLY A 190 -21.42 -23.01 15.49
C GLY A 190 -22.42 -23.81 16.30
N ALA A 191 -22.60 -25.07 15.93
CA ALA A 191 -23.58 -25.94 16.60
C ALA A 191 -23.03 -27.35 16.77
N ASP A 192 -23.27 -27.95 17.94
CA ASP A 192 -22.78 -29.29 18.23
C ASP A 192 -23.71 -30.36 17.66
N LYS A 193 -23.42 -31.61 17.96
CA LYS A 193 -24.12 -32.75 17.38
C LYS A 193 -24.14 -32.59 15.86
N ASP A 194 -23.02 -32.12 15.33
CA ASP A 194 -22.79 -31.96 13.90
C ASP A 194 -23.67 -30.87 13.27
N GLY A 195 -24.47 -30.19 14.10
CA GLY A 195 -25.25 -29.06 13.62
C GLY A 195 -26.70 -29.08 14.04
N GLU A 196 -27.21 -30.27 14.36
CA GLU A 196 -28.63 -30.43 14.71
C GLU A 196 -28.80 -30.57 16.22
N GLY A 197 -28.05 -29.76 16.97
CA GLY A 197 -28.12 -29.77 18.43
C GLY A 197 -28.05 -28.37 19.00
N LEU A 198 -27.31 -28.23 20.09
CA LEU A 198 -27.12 -26.93 20.73
C LEU A 198 -26.23 -26.05 19.87
N SER A 199 -26.20 -24.75 20.17
CA SER A 199 -25.47 -23.82 19.33
C SER A 199 -25.30 -22.43 19.96
N THR A 200 -24.25 -21.74 19.54
CA THR A 200 -24.09 -20.32 19.81
C THR A 200 -23.57 -19.67 18.54
N GLN A 201 -23.65 -18.34 18.48
CA GLN A 201 -23.24 -17.60 17.28
C GLN A 201 -22.10 -16.63 17.58
N CYS A 202 -21.46 -16.15 16.53
CA CYS A 202 -20.43 -15.11 16.65
C CYS A 202 -20.36 -14.29 15.37
N GLU A 203 -19.70 -13.14 15.45
CA GLU A 203 -19.60 -12.22 14.33
C GLU A 203 -18.19 -12.18 13.76
N CYS A 204 -18.09 -11.99 12.45
CA CYS A 204 -16.80 -11.91 11.76
C CYS A 204 -16.70 -10.66 10.90
N ASN A 205 -15.63 -9.91 11.08
CA ASN A 205 -15.35 -8.72 10.27
C ASN A 205 -14.11 -8.95 9.43
N ILE A 206 -14.25 -8.76 8.12
CA ILE A 206 -13.17 -8.97 7.17
C ILE A 206 -12.86 -7.71 6.39
N LYS A 207 -11.66 -7.18 6.57
CA LYS A 207 -11.19 -6.03 5.80
C LYS A 207 -10.57 -6.50 4.50
N VAL A 208 -11.21 -6.14 3.39
CA VAL A 208 -10.71 -6.48 2.07
C VAL A 208 -9.60 -5.52 1.67
N LYS A 209 -8.35 -5.99 1.70
CA LYS A 209 -7.21 -5.16 1.38
C LYS A 209 -7.26 -4.67 -0.06
N ASP A 210 -6.47 -3.63 -0.37
CA ASP A 210 -6.48 -3.02 -1.69
C ASP A 210 -5.24 -3.36 -2.50
N VAL A 211 -5.44 -3.56 -3.79
CA VAL A 211 -4.33 -3.66 -4.74
C VAL A 211 -4.66 -2.83 -5.96
N ASN A 212 -3.61 -2.51 -6.73
CA ASN A 212 -3.75 -1.67 -7.90
C ASN A 212 -4.35 -2.44 -9.08
N ASP A 213 -5.67 -2.59 -9.08
CA ASP A 213 -6.37 -3.30 -10.14
C ASP A 213 -7.33 -2.39 -10.90
N ASN A 214 -7.07 -1.09 -10.84
CA ASN A 214 -7.82 -0.10 -11.61
C ASN A 214 -6.90 0.96 -12.18
N PHE A 215 -7.07 1.27 -13.46
CA PHE A 215 -6.20 2.20 -14.16
C PHE A 215 -6.71 3.64 -14.07
N PRO A 216 -5.83 4.57 -13.66
CA PRO A 216 -6.27 5.97 -13.58
C PRO A 216 -6.44 6.58 -14.97
N MET A 217 -7.66 7.04 -15.28
CA MET A 217 -7.95 7.62 -16.58
C MET A 217 -8.46 9.05 -16.44
N PHE A 218 -8.08 9.90 -17.38
CA PHE A 218 -8.45 11.32 -17.34
C PHE A 218 -9.97 11.52 -17.37
N ARG A 219 -10.43 12.58 -16.73
CA ARG A 219 -11.85 12.92 -16.71
C ARG A 219 -12.26 13.67 -17.98
N ASP A 220 -11.30 13.88 -18.87
CA ASP A 220 -11.56 14.54 -20.15
C ASP A 220 -10.72 13.92 -21.25
N SER A 221 -11.19 14.03 -22.48
CA SER A 221 -10.52 13.44 -23.63
C SER A 221 -9.49 14.37 -24.23
N GLN A 222 -9.51 15.63 -23.82
CA GLN A 222 -8.59 16.63 -24.37
C GLN A 222 -8.50 17.85 -23.46
N TYR A 223 -7.32 18.48 -23.47
CA TYR A 223 -7.08 19.68 -22.67
C TYR A 223 -6.47 20.79 -23.52
N SER A 224 -6.70 22.03 -23.12
CA SER A 224 -6.22 23.18 -23.86
C SER A 224 -6.04 24.39 -22.94
N ALA A 225 -5.03 25.21 -23.23
CA ALA A 225 -4.76 26.40 -22.43
C ALA A 225 -4.36 27.58 -23.31
N ARG A 226 -3.99 28.68 -22.66
CA ARG A 226 -3.75 29.95 -23.34
C ARG A 226 -2.82 30.81 -22.51
N ILE A 227 -1.55 30.86 -22.90
CA ILE A 227 -0.53 31.59 -22.15
C ILE A 227 0.33 32.45 -23.08
N GLU A 228 0.82 33.57 -22.58
CA GLU A 228 1.62 34.48 -23.40
C GLU A 228 3.09 34.09 -23.38
N GLU A 229 3.87 34.73 -24.25
CA GLU A 229 5.28 34.41 -24.38
C GLU A 229 6.10 35.05 -23.26
N ASN A 230 7.31 34.54 -23.04
CA ASN A 230 8.23 35.09 -22.06
C ASN A 230 7.65 35.10 -20.64
N ILE A 231 6.82 34.10 -20.34
CA ILE A 231 6.15 34.02 -19.04
C ILE A 231 6.14 32.59 -18.51
N LEU A 232 6.48 32.44 -17.23
CA LEU A 232 6.43 31.15 -16.57
C LEU A 232 5.23 31.08 -15.63
N SER A 233 4.72 29.86 -15.42
CA SER A 233 3.54 29.67 -14.59
C SER A 233 3.66 28.42 -13.74
N SER A 234 3.08 28.48 -12.54
CA SER A 234 3.02 27.33 -11.65
C SER A 234 1.80 26.48 -11.93
N GLU A 235 0.77 27.10 -12.50
CA GLU A 235 -0.45 26.39 -12.85
C GLU A 235 -1.13 26.98 -14.09
N LEU A 236 -0.96 26.29 -15.22
CA LEU A 236 -1.62 26.67 -16.46
C LEU A 236 -2.93 25.91 -16.59
N LEU A 237 -2.88 24.62 -16.30
CA LEU A 237 -4.06 23.76 -16.26
C LEU A 237 -4.01 22.84 -15.06
N ARG A 238 -5.11 22.13 -14.83
CA ARG A 238 -5.17 21.12 -13.78
C ARG A 238 -5.85 19.88 -14.33
N PHE A 239 -5.07 18.84 -14.62
CA PHE A 239 -5.61 17.60 -15.15
C PHE A 239 -6.31 16.81 -14.04
N GLN A 240 -7.56 16.39 -14.32
CA GLN A 240 -8.31 15.56 -13.38
C GLN A 240 -8.23 14.11 -13.81
N VAL A 241 -8.28 13.21 -12.84
CA VAL A 241 -8.16 11.79 -13.11
C VAL A 241 -8.89 10.98 -12.04
N THR A 242 -9.63 9.96 -12.47
CA THR A 242 -10.34 9.08 -11.54
C THR A 242 -9.63 7.75 -11.41
N ASP A 243 -9.54 7.27 -10.17
CA ASP A 243 -8.92 5.98 -9.88
C ASP A 243 -9.76 5.28 -8.82
N LEU A 244 -10.31 4.13 -9.19
CA LEU A 244 -11.28 3.42 -8.36
C LEU A 244 -10.68 2.87 -7.07
N ASP A 245 -9.37 2.68 -7.06
CA ASP A 245 -8.69 2.06 -5.94
C ASP A 245 -8.77 2.91 -4.68
N GLU A 246 -8.30 2.34 -3.57
CA GLU A 246 -8.37 3.02 -2.27
C GLU A 246 -7.60 4.33 -2.33
N GLU A 247 -8.27 5.42 -1.99
CA GLU A 247 -7.69 6.75 -2.13
C GLU A 247 -6.61 7.03 -1.09
N TYR A 248 -5.72 7.95 -1.43
CA TYR A 248 -4.58 8.32 -0.60
C TYR A 248 -3.62 7.15 -0.40
N THR A 249 -3.64 6.21 -1.35
CA THR A 249 -2.69 5.11 -1.39
C THR A 249 -1.87 5.23 -2.66
N ASP A 250 -0.75 4.52 -2.73
CA ASP A 250 0.07 4.49 -3.94
C ASP A 250 -0.69 3.82 -5.08
N ASN A 251 -1.74 3.08 -4.74
CA ASN A 251 -2.57 2.40 -5.73
C ASN A 251 -3.59 3.35 -6.36
N TRP A 252 -3.48 4.62 -6.03
CA TRP A 252 -4.48 5.62 -6.42
C TRP A 252 -3.80 6.95 -6.79
N LEU A 253 -2.66 7.21 -6.17
CA LEU A 253 -1.89 8.41 -6.46
C LEU A 253 -1.46 8.42 -7.91
N ALA A 254 -1.92 9.41 -8.67
CA ALA A 254 -1.59 9.52 -10.08
C ALA A 254 -0.16 9.99 -10.27
N VAL A 255 0.46 9.56 -11.36
CA VAL A 255 1.72 10.12 -11.81
C VAL A 255 1.64 10.36 -13.31
N TYR A 256 1.66 11.63 -13.69
CA TYR A 256 1.53 12.01 -15.09
C TYR A 256 2.91 12.09 -15.73
N PHE A 257 2.94 11.95 -17.05
CA PHE A 257 4.19 12.06 -17.79
C PHE A 257 3.91 12.39 -19.24
N PHE A 258 4.79 13.19 -19.84
CA PHE A 258 4.65 13.56 -21.24
C PHE A 258 5.04 12.42 -22.15
N THR A 259 4.14 12.02 -23.03
CA THR A 259 4.38 10.98 -24.01
C THR A 259 4.87 11.57 -25.32
N SER A 260 4.70 12.89 -25.47
CA SER A 260 5.11 13.59 -26.67
C SER A 260 5.04 15.10 -26.53
N GLY A 261 5.59 15.81 -27.51
CA GLY A 261 5.41 17.25 -27.60
C GLY A 261 6.34 18.08 -26.74
N ASN A 262 6.79 17.51 -25.62
CA ASN A 262 7.64 18.22 -24.68
C ASN A 262 9.10 18.03 -25.04
N GLU A 263 9.39 18.10 -26.33
CA GLU A 263 10.73 17.83 -26.86
C GLU A 263 11.78 18.76 -26.25
N GLY A 264 11.35 19.92 -25.77
CA GLY A 264 12.26 20.93 -25.25
C GLY A 264 12.09 21.23 -23.78
N ASN A 265 11.42 20.33 -23.06
CA ASN A 265 11.25 20.45 -21.61
C ASN A 265 10.72 21.82 -21.15
N TRP A 266 9.82 22.40 -21.93
CA TRP A 266 9.18 23.65 -21.53
C TRP A 266 8.22 23.41 -20.37
N PHE A 267 7.67 22.20 -20.31
CA PHE A 267 6.64 21.87 -19.34
C PHE A 267 7.09 20.81 -18.34
N GLU A 268 6.46 20.85 -17.17
CA GLU A 268 6.63 19.82 -16.15
C GLU A 268 5.28 19.59 -15.49
N ILE A 269 5.03 18.38 -15.02
CA ILE A 269 3.79 18.09 -14.29
C ILE A 269 4.08 17.70 -12.84
N GLN A 270 3.38 18.38 -11.94
CA GLN A 270 3.41 18.06 -10.51
C GLN A 270 2.04 17.56 -10.10
N THR A 271 1.99 16.43 -9.41
CA THR A 271 0.72 15.85 -9.00
C THR A 271 0.29 16.37 -7.64
N ASP A 272 -0.89 16.99 -7.60
CA ASP A 272 -1.46 17.47 -6.34
C ASP A 272 -1.86 16.29 -5.48
N PRO A 273 -1.10 16.02 -4.40
CA PRO A 273 -1.37 14.79 -3.63
C PRO A 273 -2.71 14.83 -2.92
N ARG A 274 -3.24 16.04 -2.72
CA ARG A 274 -4.50 16.22 -2.02
C ARG A 274 -5.69 15.84 -2.90
N THR A 275 -5.64 16.27 -4.16
CA THR A 275 -6.76 16.06 -5.10
C THR A 275 -6.41 15.11 -6.23
N ASN A 276 -5.18 14.60 -6.24
CA ASN A 276 -4.74 13.66 -7.28
C ASN A 276 -4.55 14.32 -8.64
N GLU A 277 -4.93 15.60 -8.74
CA GLU A 277 -4.87 16.31 -10.01
C GLU A 277 -3.43 16.48 -10.48
N GLY A 278 -3.29 16.72 -11.78
CA GLY A 278 -2.00 17.00 -12.38
C GLY A 278 -1.86 18.46 -12.72
N ILE A 279 -0.91 19.12 -12.06
CA ILE A 279 -0.65 20.54 -12.30
C ILE A 279 0.28 20.71 -13.49
N LEU A 280 -0.19 21.43 -14.52
CA LEU A 280 0.64 21.69 -15.69
C LEU A 280 1.45 22.96 -15.48
N LYS A 281 2.77 22.79 -15.35
CA LYS A 281 3.67 23.91 -15.13
C LYS A 281 4.43 24.29 -16.39
N VAL A 282 4.69 25.59 -16.53
CA VAL A 282 5.54 26.09 -17.60
C VAL A 282 6.86 26.57 -16.98
N VAL A 283 7.89 25.72 -17.07
CA VAL A 283 9.16 26.00 -16.41
C VAL A 283 10.10 26.83 -17.29
N LYS A 284 9.81 26.87 -18.58
CA LYS A 284 10.61 27.64 -19.54
C LYS A 284 9.68 28.37 -20.49
N ALA A 285 9.87 29.67 -20.60
CA ALA A 285 8.97 30.51 -21.38
C ALA A 285 9.12 30.20 -22.86
N LEU A 286 8.09 30.52 -23.63
CA LEU A 286 8.02 30.17 -25.04
C LEU A 286 7.88 31.42 -25.89
N ASP A 287 8.65 31.52 -26.96
CA ASP A 287 8.59 32.67 -27.84
C ASP A 287 7.55 32.43 -28.93
N TYR A 288 6.63 33.38 -29.09
CA TYR A 288 5.55 33.25 -30.07
C TYR A 288 6.10 33.14 -31.48
N GLU A 289 7.10 33.97 -31.78
CA GLU A 289 7.68 34.03 -33.12
C GLU A 289 8.58 32.84 -33.39
N GLN A 290 8.72 31.97 -32.39
CA GLN A 290 9.54 30.76 -32.51
C GLN A 290 8.65 29.54 -32.61
N LEU A 291 7.54 29.54 -31.87
CA LEU A 291 6.60 28.43 -31.87
C LEU A 291 5.28 28.88 -31.22
N GLN A 292 4.32 29.27 -32.06
CA GLN A 292 3.06 29.83 -31.59
C GLN A 292 1.98 28.77 -31.38
N SER A 293 2.40 27.53 -31.21
CA SER A 293 1.49 26.42 -31.03
C SER A 293 2.24 25.14 -30.71
N VAL A 294 2.16 24.71 -29.45
CA VAL A 294 2.82 23.48 -29.01
C VAL A 294 1.77 22.44 -28.64
N LYS A 295 1.88 21.27 -29.27
CA LYS A 295 0.96 20.17 -29.03
C LYS A 295 1.65 19.09 -28.23
N LEU A 296 0.99 18.65 -27.15
CA LEU A 296 1.56 17.66 -26.25
C LEU A 296 0.66 16.45 -26.12
N SER A 297 1.22 15.35 -25.62
CA SER A 297 0.45 14.16 -25.29
C SER A 297 0.92 13.64 -23.94
N ILE A 298 -0.04 13.38 -23.05
CA ILE A 298 0.26 12.95 -21.69
C ILE A 298 -0.42 11.63 -21.38
N ALA A 299 0.05 10.96 -20.33
CA ALA A 299 -0.52 9.69 -19.91
C ALA A 299 -0.32 9.52 -18.41
N VAL A 300 -1.22 8.75 -17.78
CA VAL A 300 -1.19 8.59 -16.33
C VAL A 300 -0.79 7.18 -15.93
N LYS A 301 -0.20 7.09 -14.75
CA LYS A 301 0.18 5.83 -14.14
C LYS A 301 -0.04 6.02 -12.65
N ASN A 302 -0.01 4.94 -11.88
CA ASN A 302 0.02 5.04 -10.43
C ASN A 302 1.46 4.99 -9.93
N LYS A 303 1.71 5.59 -8.77
CA LYS A 303 3.03 5.55 -8.16
C LYS A 303 3.45 4.10 -7.93
N ALA A 304 2.46 3.23 -7.78
CA ALA A 304 2.69 1.79 -7.67
C ALA A 304 2.46 1.12 -9.02
N GLU A 305 3.21 0.05 -9.29
CA GLU A 305 2.98 -0.74 -10.50
C GLU A 305 1.70 -1.54 -10.33
N PHE A 306 1.11 -1.94 -11.45
CA PHE A 306 -0.20 -2.56 -11.44
C PHE A 306 -0.14 -4.02 -11.02
N HIS A 307 -1.26 -4.56 -10.57
CA HIS A 307 -1.31 -5.90 -10.02
C HIS A 307 -1.19 -6.96 -11.12
N GLN A 308 -1.01 -8.21 -10.70
CA GLN A 308 -0.84 -9.31 -11.64
C GLN A 308 -2.17 -9.66 -12.30
N SER A 309 -3.25 -9.17 -11.70
CA SER A 309 -4.60 -9.50 -12.16
C SER A 309 -5.03 -8.62 -13.35
N VAL A 310 -4.24 -7.60 -13.65
CA VAL A 310 -4.57 -6.69 -14.74
C VAL A 310 -3.32 -6.13 -15.45
N ILE A 311 -2.16 -6.68 -15.12
CA ILE A 311 -0.89 -6.19 -15.67
C ILE A 311 -0.89 -6.20 -17.19
N SER A 312 -1.49 -7.23 -17.79
CA SER A 312 -1.46 -7.41 -19.24
C SER A 312 -2.39 -6.44 -19.95
N ARG A 313 -3.45 -6.03 -19.26
CA ARG A 313 -4.47 -5.16 -19.86
C ARG A 313 -3.94 -3.75 -20.10
N TYR A 314 -2.82 -3.41 -19.47
CA TYR A 314 -2.33 -2.03 -19.49
C TYR A 314 -1.77 -1.61 -20.85
N ARG A 315 -2.33 -0.52 -21.38
CA ARG A 315 -1.77 0.15 -22.55
C ARG A 315 -1.84 1.66 -22.33
N VAL A 316 -1.02 2.41 -23.06
CA VAL A 316 -0.92 3.85 -22.90
C VAL A 316 -2.17 4.59 -23.38
N GLN A 317 -2.38 5.77 -22.80
CA GLN A 317 -3.51 6.62 -23.17
C GLN A 317 -3.14 7.61 -24.26
N SER A 318 -2.15 8.44 -23.98
CA SER A 318 -1.75 9.53 -24.86
C SER A 318 -2.91 10.47 -25.13
N THR A 319 -3.21 11.32 -24.15
CA THR A 319 -4.29 12.30 -24.28
C THR A 319 -3.76 13.62 -24.83
N PRO A 320 -4.45 14.20 -25.83
CA PRO A 320 -3.97 15.46 -26.42
C PRO A 320 -4.02 16.65 -25.46
N VAL A 321 -2.97 17.47 -25.49
CA VAL A 321 -2.97 18.74 -24.79
C VAL A 321 -2.35 19.79 -25.72
N THR A 322 -3.03 20.91 -25.90
CA THR A 322 -2.57 21.94 -26.82
C THR A 322 -2.60 23.32 -26.17
N ILE A 323 -1.42 23.91 -26.01
CA ILE A 323 -1.29 25.23 -25.39
C ILE A 323 -1.20 26.32 -26.46
N GLN A 324 -2.19 27.21 -26.46
CA GLN A 324 -2.15 28.39 -27.31
C GLN A 324 -1.13 29.38 -26.78
N VAL A 325 -0.18 29.76 -27.63
CA VAL A 325 0.81 30.77 -27.27
C VAL A 325 0.42 32.10 -27.92
N ILE A 326 0.10 33.10 -27.09
CA ILE A 326 -0.36 34.38 -27.61
C ILE A 326 0.78 35.39 -27.65
N ASN A 327 0.73 36.27 -28.66
CA ASN A 327 1.80 37.21 -28.93
C ASN A 327 1.63 38.52 -28.17
N VAL A 328 2.75 39.15 -27.83
CA VAL A 328 2.74 40.44 -27.16
C VAL A 328 3.70 41.40 -27.85
N ARG A 329 3.40 42.70 -27.78
CA ARG A 329 4.24 43.71 -28.41
C ARG A 329 5.60 43.78 -27.74
N GLU A 330 6.55 43.03 -28.28
CA GLU A 330 7.93 43.10 -27.83
C GLU A 330 8.68 44.14 -28.64
N GLY A 331 9.76 44.66 -28.08
CA GLY A 331 10.57 45.66 -28.75
C GLY A 331 11.87 45.12 -29.27
N ILE A 332 12.70 45.99 -29.81
CA ILE A 332 13.99 45.60 -30.37
C ILE A 332 14.99 45.34 -29.26
N ALA A 333 15.80 44.29 -29.43
CA ALA A 333 16.84 43.96 -28.48
C ALA A 333 17.95 43.17 -29.18
N PHE A 334 19.12 43.12 -28.56
CA PHE A 334 20.24 42.37 -29.11
C PHE A 334 20.04 40.88 -28.83
N ARG A 335 19.74 40.10 -29.87
CA ARG A 335 19.42 38.67 -29.71
C ARG A 335 20.45 37.99 -28.84
N PRO A 336 21.72 37.92 -29.29
CA PRO A 336 22.70 37.62 -28.24
C PRO A 336 22.86 38.84 -27.33
N ALA A 337 22.86 38.64 -26.01
CA ALA A 337 22.99 39.75 -25.08
C ALA A 337 24.39 40.34 -25.13
N SER A 338 25.31 39.64 -25.79
CA SER A 338 26.69 40.10 -25.90
C SER A 338 27.44 39.32 -26.98
N LYS A 339 28.23 40.02 -27.78
CA LYS A 339 29.02 39.40 -28.84
C LYS A 339 30.51 39.39 -28.48
N THR A 340 31.21 38.35 -28.92
CA THR A 340 32.63 38.22 -28.66
C THR A 340 33.41 38.26 -29.97
N PHE A 341 34.06 39.39 -30.23
CA PHE A 341 34.92 39.53 -31.39
C PHE A 341 36.34 39.14 -31.00
N THR A 342 37.11 38.68 -31.98
CA THR A 342 38.51 38.34 -31.77
C THR A 342 39.36 38.95 -32.86
N VAL A 343 40.10 40.00 -32.52
CA VAL A 343 41.01 40.63 -33.47
C VAL A 343 42.16 39.66 -33.75
N GLN A 344 42.59 39.61 -35.00
CA GLN A 344 43.63 38.66 -35.41
C GLN A 344 44.94 38.96 -34.69
N LYS A 345 45.86 38.03 -34.78
CA LYS A 345 47.18 38.16 -34.15
C LYS A 345 48.18 38.83 -35.09
N GLY A 346 47.85 38.88 -36.38
CA GLY A 346 48.75 39.45 -37.36
C GLY A 346 48.86 40.96 -37.23
N ILE A 347 47.97 41.55 -36.46
CA ILE A 347 47.99 42.99 -36.22
C ILE A 347 48.80 43.33 -34.98
N SER A 348 49.48 44.47 -35.03
CA SER A 348 50.16 45.01 -33.86
C SER A 348 49.26 46.06 -33.21
N SER A 349 49.30 46.14 -31.88
CA SER A 349 48.39 47.01 -31.14
C SER A 349 48.56 48.49 -31.46
N LYS A 350 49.54 48.83 -32.29
CA LYS A 350 49.79 50.23 -32.66
C LYS A 350 49.24 50.58 -34.04
N LYS A 351 48.52 49.66 -34.68
CA LYS A 351 47.96 49.90 -36.01
C LYS A 351 46.62 49.19 -36.18
N LEU A 352 45.70 49.41 -35.25
CA LEU A 352 44.39 48.78 -35.27
C LEU A 352 43.31 49.65 -35.93
N VAL A 353 43.67 50.88 -36.27
CA VAL A 353 42.71 51.82 -36.83
C VAL A 353 42.10 51.27 -38.12
N ASP A 354 40.81 51.58 -38.33
CA ASP A 354 40.08 51.12 -39.50
C ASP A 354 40.03 49.60 -39.59
N TYR A 355 40.24 48.94 -38.45
CA TYR A 355 40.01 47.50 -38.37
C TYR A 355 38.53 47.28 -38.08
N ILE A 356 37.75 47.03 -39.12
CA ILE A 356 36.33 46.77 -38.95
C ILE A 356 36.16 45.51 -38.12
N LEU A 357 35.78 45.69 -36.86
CA LEU A 357 35.70 44.59 -35.92
C LEU A 357 34.54 43.64 -36.25
N GLY A 358 33.48 44.19 -36.83
CA GLY A 358 32.35 43.38 -37.26
C GLY A 358 31.02 44.08 -37.03
N THR A 359 29.95 43.49 -37.54
CA THR A 359 28.61 44.02 -37.35
C THR A 359 27.97 43.40 -36.11
N TYR A 360 27.18 44.21 -35.40
CA TYR A 360 26.50 43.75 -34.19
C TYR A 360 25.19 44.49 -34.05
N GLN A 361 24.19 44.01 -34.78
CA GLN A 361 22.91 44.70 -34.90
C GLN A 361 21.84 44.01 -34.07
N ALA A 362 21.05 44.82 -33.36
CA ALA A 362 19.90 44.31 -32.62
C ALA A 362 18.84 43.83 -33.59
N ILE A 363 17.88 43.08 -33.08
CA ILE A 363 16.81 42.53 -33.89
C ILE A 363 15.44 42.89 -33.32
N ASP A 364 14.45 43.02 -34.19
CA ASP A 364 13.07 43.20 -33.74
C ASP A 364 12.56 41.86 -33.21
N GLU A 365 11.98 41.87 -32.01
CA GLU A 365 11.53 40.64 -31.37
C GLU A 365 10.12 40.25 -31.80
N ASP A 366 9.42 41.16 -32.49
CA ASP A 366 8.14 40.83 -33.10
C ASP A 366 8.38 40.06 -34.40
N THR A 367 9.58 40.23 -34.95
CA THR A 367 10.10 39.35 -35.99
C THR A 367 11.28 38.61 -35.38
N ASN A 368 12.25 38.23 -36.20
CA ASN A 368 13.54 37.76 -35.69
C ASN A 368 14.63 38.20 -36.64
N LYS A 369 14.30 39.15 -37.50
CA LYS A 369 15.22 39.65 -38.52
C LYS A 369 15.83 40.97 -38.09
N ALA A 370 16.64 41.54 -38.98
CA ALA A 370 17.31 42.81 -38.75
C ALA A 370 16.36 43.87 -38.20
N ALA A 371 16.72 44.44 -37.05
CA ALA A 371 15.94 45.53 -36.48
C ALA A 371 15.95 46.73 -37.41
N SER A 372 14.77 47.09 -37.92
CA SER A 372 14.64 48.24 -38.81
C SER A 372 14.30 49.49 -38.03
N ASN A 373 14.62 50.64 -38.62
CA ASN A 373 14.33 51.94 -38.00
C ASN A 373 14.90 52.06 -36.60
N VAL A 374 16.24 52.05 -36.51
CA VAL A 374 16.91 52.29 -35.24
C VAL A 374 18.15 53.15 -35.45
N LYS A 375 18.72 53.62 -34.35
CA LYS A 375 19.97 54.35 -34.36
C LYS A 375 20.96 53.57 -33.49
N TYR A 376 22.12 53.24 -34.07
CA TYR A 376 23.14 52.51 -33.34
C TYR A 376 24.16 53.49 -32.77
N VAL A 377 24.53 53.26 -31.51
CA VAL A 377 25.33 54.22 -30.76
C VAL A 377 26.19 53.49 -29.74
N MET A 378 27.31 54.09 -29.39
CA MET A 378 28.22 53.52 -28.40
C MET A 378 27.84 53.94 -26.99
N GLY A 379 28.12 53.05 -26.04
CA GLY A 379 27.87 53.33 -24.63
C GLY A 379 29.00 52.78 -23.79
N ARG A 380 29.33 53.50 -22.72
CA ARG A 380 30.51 53.22 -21.89
C ARG A 380 31.66 52.64 -22.71
N ASN A 381 32.07 53.37 -23.73
CA ASN A 381 33.21 52.97 -24.55
C ASN A 381 34.50 53.36 -23.84
N ASP A 382 34.83 52.64 -22.78
CA ASP A 382 36.04 52.92 -22.01
C ASP A 382 37.27 52.85 -22.90
N GLY A 383 38.11 53.87 -22.78
CA GLY A 383 39.27 54.01 -23.63
C GLY A 383 38.93 54.80 -24.88
N GLY A 384 37.76 54.52 -25.44
CA GLY A 384 37.32 55.18 -26.66
C GLY A 384 37.90 54.50 -27.88
N TYR A 385 37.93 53.17 -27.84
CA TYR A 385 38.54 52.38 -28.89
C TYR A 385 37.58 52.10 -30.05
N LEU A 386 36.32 51.90 -29.71
CA LEU A 386 35.34 51.42 -30.66
C LEU A 386 34.38 52.51 -31.10
N MET A 387 34.00 52.48 -32.37
CA MET A 387 32.98 53.36 -32.92
C MET A 387 32.02 52.54 -33.76
N ILE A 388 30.73 52.77 -33.60
CA ILE A 388 29.71 52.01 -34.32
C ILE A 388 29.00 52.86 -35.36
N ASP A 389 28.77 52.28 -36.54
CA ASP A 389 28.01 52.95 -37.58
C ASP A 389 26.56 53.05 -37.12
N SER A 390 25.98 54.24 -37.26
CA SER A 390 24.65 54.50 -36.72
C SER A 390 23.52 53.87 -37.54
N LYS A 391 23.88 53.04 -38.52
CA LYS A 391 22.88 52.39 -39.36
C LYS A 391 23.20 50.91 -39.62
N THR A 392 24.44 50.62 -40.02
CA THR A 392 24.84 49.25 -40.30
C THR A 392 25.30 48.51 -39.04
N ALA A 393 25.51 49.26 -37.97
CA ALA A 393 26.01 48.70 -36.70
C ALA A 393 27.38 48.05 -36.89
N GLU A 394 28.13 48.52 -37.89
CA GLU A 394 29.49 48.06 -38.09
C GLU A 394 30.39 48.74 -37.06
N ILE A 395 31.37 48.01 -36.52
CA ILE A 395 32.21 48.53 -35.44
C ILE A 395 33.68 48.61 -35.86
N LYS A 396 34.18 49.84 -35.94
CA LYS A 396 35.58 50.10 -36.31
C LYS A 396 36.41 50.42 -35.07
N PHE A 397 37.72 50.44 -35.25
CA PHE A 397 38.64 50.87 -34.20
C PHE A 397 39.03 52.33 -34.42
N VAL A 398 39.32 53.04 -33.33
CA VAL A 398 39.75 54.44 -33.42
C VAL A 398 40.82 54.78 -32.37
N LYS A 399 41.53 53.76 -31.89
CA LYS A 399 42.63 53.96 -30.95
C LYS A 399 43.60 52.78 -31.00
N ASN A 400 44.89 53.06 -30.91
CA ASN A 400 45.93 52.04 -30.93
C ASN A 400 46.69 51.97 -29.61
N MET A 401 47.89 51.41 -29.65
CA MET A 401 48.76 51.29 -28.48
C MET A 401 48.10 50.49 -27.36
N ASN A 402 48.81 50.31 -26.24
CA ASN A 402 48.27 49.59 -25.10
C ASN A 402 48.59 50.27 -23.76
N ARG A 403 47.68 51.12 -23.32
CA ARG A 403 47.70 51.61 -21.95
C ARG A 403 47.16 50.50 -21.01
N ASP A 404 47.86 50.28 -19.90
CA ASP A 404 47.61 49.12 -19.00
C ASP A 404 46.30 49.20 -18.21
N SER A 405 46.16 50.25 -17.39
CA SER A 405 45.07 50.33 -16.45
C SER A 405 43.77 50.64 -17.17
N THR A 406 42.70 49.93 -16.85
CA THR A 406 41.34 50.24 -17.36
C THR A 406 41.14 49.78 -18.81
N PHE A 407 41.92 50.36 -19.70
CA PHE A 407 41.77 50.13 -21.14
C PHE A 407 41.76 48.64 -21.49
N ILE A 408 42.91 47.99 -21.28
CA ILE A 408 43.06 46.57 -21.56
C ILE A 408 43.05 45.84 -20.24
N VAL A 409 42.36 44.70 -20.18
CA VAL A 409 42.16 44.00 -18.91
C VAL A 409 42.78 42.58 -18.92
N ASN A 410 42.06 41.60 -19.47
CA ASN A 410 42.50 40.22 -19.46
C ASN A 410 42.73 39.69 -20.86
N LYS A 411 43.40 40.51 -21.68
CA LYS A 411 43.54 40.35 -23.13
C LYS A 411 42.33 40.97 -23.83
N THR A 412 41.28 41.26 -23.06
CA THR A 412 40.03 41.76 -23.62
C THR A 412 39.77 43.22 -23.30
N ILE A 413 38.78 43.79 -23.97
CA ILE A 413 38.27 45.13 -23.70
C ILE A 413 36.76 45.10 -23.90
N THR A 414 36.03 45.91 -23.15
CA THR A 414 34.57 45.81 -23.15
C THR A 414 33.87 47.15 -23.31
N ALA A 415 32.85 47.17 -24.17
CA ALA A 415 32.04 48.36 -24.39
C ALA A 415 30.57 47.97 -24.54
N GLU A 416 29.68 48.93 -24.40
CA GLU A 416 28.26 48.72 -24.63
C GLU A 416 27.89 49.26 -26.01
N VAL A 417 26.81 48.71 -26.59
CA VAL A 417 26.25 49.22 -27.83
C VAL A 417 24.76 49.49 -27.63
N LEU A 418 24.35 50.73 -27.89
CA LEU A 418 22.96 51.11 -27.76
C LEU A 418 22.24 51.07 -29.10
N ALA A 419 21.05 50.49 -29.10
CA ALA A 419 20.17 50.53 -30.26
C ALA A 419 18.88 51.25 -29.85
N ILE A 420 18.72 52.46 -30.37
CA ILE A 420 17.57 53.29 -30.04
C ILE A 420 16.52 53.18 -31.15
N ASP A 421 15.28 52.91 -30.76
CA ASP A 421 14.20 52.80 -31.74
C ASP A 421 13.78 54.20 -32.18
N GLU A 422 13.51 54.34 -33.47
CA GLU A 422 13.14 55.64 -34.03
C GLU A 422 11.75 56.10 -33.60
N TYR A 423 11.03 55.24 -32.88
CA TYR A 423 9.63 55.50 -32.52
C TYR A 423 9.30 55.26 -31.06
N THR A 424 10.32 55.21 -30.20
CA THR A 424 10.09 55.05 -28.77
C THR A 424 11.12 55.79 -27.93
N GLY A 425 12.39 55.47 -28.15
CA GLY A 425 13.44 55.88 -27.24
C GLY A 425 13.63 54.78 -26.20
N LYS A 426 13.20 53.58 -26.56
CA LYS A 426 13.45 52.42 -25.72
C LYS A 426 14.85 51.93 -26.01
N THR A 427 15.80 52.42 -25.21
CA THR A 427 17.21 52.15 -25.44
C THR A 427 17.57 50.74 -25.02
N SER A 428 17.81 49.86 -25.99
CA SER A 428 18.25 48.49 -25.74
C SER A 428 19.77 48.41 -25.78
N THR A 429 20.34 47.66 -24.86
CA THR A 429 21.80 47.59 -24.70
C THR A 429 22.36 46.22 -25.05
N GLY A 430 23.57 46.21 -25.62
CA GLY A 430 24.32 45.00 -25.87
C GLY A 430 25.77 45.24 -25.48
N THR A 431 26.45 44.19 -25.05
CA THR A 431 27.82 44.33 -24.53
C THR A 431 28.84 43.68 -25.46
N VAL A 432 29.87 44.43 -25.84
CA VAL A 432 30.86 43.98 -26.83
C VAL A 432 32.19 43.62 -26.20
N TYR A 433 32.47 42.33 -26.09
CA TYR A 433 33.79 41.87 -25.67
C TYR A 433 34.69 41.72 -26.89
N VAL A 434 35.97 42.09 -26.74
CA VAL A 434 36.92 42.05 -27.83
C VAL A 434 38.27 41.51 -27.38
N ARG A 435 38.51 40.23 -27.62
CA ARG A 435 39.76 39.60 -27.22
C ARG A 435 40.92 40.13 -28.06
N VAL A 436 42.08 40.29 -27.43
CA VAL A 436 43.26 40.83 -28.09
C VAL A 436 44.54 40.15 -27.57
N PRO A 437 45.33 39.54 -28.47
CA PRO A 437 46.57 38.91 -28.00
C PRO A 437 47.75 39.87 -28.07
N ASP A 438 47.99 40.62 -27.00
CA ASP A 438 49.10 41.57 -26.95
C ASP A 438 50.45 40.83 -27.01
N PHE A 439 50.55 39.72 -26.28
CA PHE A 439 51.77 38.93 -26.23
C PHE A 439 52.95 39.78 -25.75
#